data_4G5J
#
_entry.id   4G5J
#
_cell.length_a   144.468
_cell.length_b   144.468
_cell.length_c   144.468
_cell.angle_alpha   90.000
_cell.angle_beta   90.000
_cell.angle_gamma   90.000
#
_symmetry.space_group_name_H-M   'I 2 3'
#
loop_
_entity.id
_entity.type
_entity.pdbx_description
1 polymer 'Epidermal growth factor receptor'
2 non-polymer N-{4-[(3-chloro-4-fluorophenyl)amino]-7-[(3S)-tetrahydrofuran-3-yloxy]quinazolin-6-yl}-4-(dimethylamino)butanamide
3 non-polymer (2E)-N-{4-[(3-chloro-4-fluorophenyl)amino]-7-[(3S)-tetrahydrofuran-3-yloxy]quinazolin-6-yl}-4-(dimethylamino)but-2-enamide
4 water water
#
_entity_poly.entity_id   1
_entity_poly.type   'polypeptide(L)'
_entity_poly.pdbx_seq_one_letter_code
;GSMGEAPNQALLRILKETEFKKIKVLGSGAFGTVYKGLWIPEGEKVKIPVAIKELREATSPKANKEILDEAYVMASVDNP
HVCRLLGICLTSTVQLITQLMPFGCLLDYVREHKDNIGSQYLLNWCVQIAKGMNYLEDRRLVHRDLAARNVLVKTPQHVK
ITDFGLAKLLGAEEKEYHAEGGKVPIKWMALESILHRIYTHQSDVWSYGVTVWELMTFGSKPYDGIPASEISSILEKGER
LPQPPICTIDVYMIMVKCWMIDADSRPKFRELIIEFSKMARDPQRYLVIQGDERMHLPSPTDSNFYRALMDEEDMDDVVD
ADEYLIPQQG
;
_entity_poly.pdbx_strand_id   A
#
# COMPACT_ATOMS: atom_id res chain seq x y z
N GLY A 4 -5.33 -2.82 24.60
CA GLY A 4 -4.96 -1.65 25.44
C GLY A 4 -3.46 -1.55 25.60
N GLU A 5 -2.82 -0.86 24.65
CA GLU A 5 -1.36 -0.74 24.63
C GLU A 5 -0.92 0.59 25.24
N ALA A 6 0.34 0.94 25.00
CA ALA A 6 0.96 2.14 25.57
C ALA A 6 0.25 3.43 25.16
N PRO A 7 0.39 4.47 25.99
CA PRO A 7 -0.19 5.76 25.61
C PRO A 7 0.34 6.26 24.27
N ASN A 8 -0.56 6.44 23.29
CA ASN A 8 -0.17 7.03 22.01
C ASN A 8 0.22 8.45 22.31
N GLN A 9 1.51 8.73 22.21
CA GLN A 9 2.04 10.01 22.61
C GLN A 9 2.35 10.89 21.42
N ALA A 10 1.68 10.63 20.30
CA ALA A 10 1.91 11.40 19.08
C ALA A 10 1.55 12.87 19.30
N LEU A 11 2.16 13.75 18.51
CA LEU A 11 1.87 15.17 18.59
C LEU A 11 1.00 15.56 17.42
N LEU A 12 -0.22 16.00 17.70
CA LEU A 12 -1.06 16.61 16.70
C LEU A 12 -0.67 18.07 16.61
N ARG A 13 -0.23 18.48 15.42
CA ARG A 13 0.20 19.85 15.16
C ARG A 13 -0.90 20.62 14.43
N ILE A 14 -1.28 21.75 15.01
CA ILE A 14 -2.28 22.62 14.43
C ILE A 14 -1.58 23.69 13.61
N LEU A 15 -2.02 23.85 12.37
CA LEU A 15 -1.36 24.76 11.43
C LEU A 15 -2.26 25.92 11.10
N LYS A 16 -1.67 27.09 10.92
CA LYS A 16 -2.40 28.30 10.60
C LYS A 16 -2.62 28.38 9.08
N GLU A 17 -3.80 28.87 8.68
CA GLU A 17 -4.11 29.17 7.28
C GLU A 17 -3.02 30.01 6.61
N THR A 18 -2.42 30.93 7.36
CA THR A 18 -1.46 31.89 6.81
C THR A 18 -0.09 31.28 6.46
N GLU A 19 0.06 29.97 6.61
CA GLU A 19 1.30 29.28 6.30
C GLU A 19 1.28 28.58 4.92
N PHE A 20 0.10 28.45 4.32
CA PHE A 20 -0.01 27.78 3.02
C PHE A 20 -0.03 28.77 1.88
N LYS A 21 0.56 28.38 0.75
CA LYS A 21 0.60 29.24 -0.44
C LYS A 21 0.51 28.42 -1.74
N LYS A 22 0.08 29.07 -2.82
CA LYS A 22 -0.03 28.48 -4.17
C LYS A 22 -0.89 27.20 -4.22
N ILE A 23 -2.10 27.29 -3.65
CA ILE A 23 -3.02 26.16 -3.57
C ILE A 23 -3.71 25.96 -4.94
N LYS A 24 -3.64 24.72 -5.44
CA LYS A 24 -4.29 24.33 -6.69
C LYS A 24 -5.01 23.00 -6.47
N VAL A 25 -6.14 22.80 -7.16
CA VAL A 25 -7.02 21.65 -6.90
C VAL A 25 -6.56 20.40 -7.66
N LEU A 26 -6.91 19.23 -7.13
CA LEU A 26 -6.59 17.94 -7.75
C LEU A 26 -7.82 17.12 -8.16
N GLY A 27 -8.91 17.23 -7.39
CA GLY A 27 -10.18 16.60 -7.77
C GLY A 27 -10.99 16.03 -6.61
N SER A 28 -12.22 15.60 -6.91
CA SER A 28 -13.13 15.04 -5.91
C SER A 28 -13.36 13.55 -6.14
N THR A 33 -12.38 16.40 -1.14
CA THR A 33 -11.55 17.13 -2.09
C THR A 33 -10.09 17.18 -1.64
N VAL A 34 -9.17 17.11 -2.60
CA VAL A 34 -7.72 17.18 -2.32
C VAL A 34 -7.08 18.31 -3.13
N TYR A 35 -6.08 18.97 -2.54
CA TYR A 35 -5.41 20.11 -3.16
C TYR A 35 -3.87 19.98 -3.16
N LYS A 36 -3.23 20.68 -4.11
CA LYS A 36 -1.78 20.90 -4.10
C LYS A 36 -1.55 22.12 -3.25
N GLY A 37 -0.34 22.28 -2.74
CA GLY A 37 -0.03 23.45 -1.94
C GLY A 37 1.37 23.45 -1.34
N LEU A 38 1.75 24.60 -0.79
CA LEU A 38 3.07 24.78 -0.20
C LEU A 38 2.96 25.27 1.22
N TRP A 39 3.64 24.58 2.13
CA TRP A 39 3.65 24.94 3.53
C TRP A 39 4.97 25.65 3.87
N ILE A 40 4.85 26.81 4.52
CA ILE A 40 6.00 27.61 4.92
C ILE A 40 5.91 27.92 6.42
N PRO A 41 6.43 27.02 7.27
CA PRO A 41 6.42 27.19 8.73
C PRO A 41 6.95 28.54 9.17
N GLU A 42 6.45 29.03 10.30
CA GLU A 42 6.74 30.37 10.81
C GLU A 42 8.15 30.87 10.46
N GLY A 43 8.26 31.63 9.37
CA GLY A 43 9.50 32.34 9.01
C GLY A 43 10.77 31.52 9.01
N GLU A 44 10.65 30.22 8.77
CA GLU A 44 11.80 29.31 8.73
C GLU A 44 12.41 29.25 7.33
N LYS A 45 11.79 29.98 6.40
CA LYS A 45 12.32 30.15 5.04
C LYS A 45 12.51 28.83 4.29
N VAL A 46 11.52 27.95 4.36
CA VAL A 46 11.57 26.68 3.63
C VAL A 46 10.21 26.36 3.03
N LYS A 47 10.21 25.63 1.92
CA LYS A 47 8.99 25.22 1.26
C LYS A 47 8.83 23.71 1.39
N ILE A 48 7.71 23.30 1.99
CA ILE A 48 7.38 21.89 2.14
C ILE A 48 6.13 21.69 1.28
N PRO A 49 6.28 21.03 0.13
CA PRO A 49 5.10 20.77 -0.71
C PRO A 49 4.12 19.84 -0.03
N VAL A 50 2.83 20.15 -0.12
CA VAL A 50 1.82 19.41 0.61
C VAL A 50 0.56 19.12 -0.19
N ALA A 51 -0.12 18.05 0.21
CA ALA A 51 -1.47 17.79 -0.21
C ALA A 51 -2.40 18.14 0.93
N ILE A 52 -3.62 18.57 0.58
CA ILE A 52 -4.61 19.04 1.54
C ILE A 52 -5.93 18.35 1.24
N LYS A 53 -6.44 17.57 2.18
CA LYS A 53 -7.72 16.88 2.03
C LYS A 53 -8.77 17.56 2.89
N GLU A 54 -9.94 17.87 2.31
CA GLU A 54 -11.07 18.45 3.04
C GLU A 54 -12.16 17.41 3.35
N LYS A 65 -15.26 15.01 11.57
CA LYS A 65 -15.07 14.28 12.82
C LYS A 65 -14.80 12.78 12.64
N GLU A 66 -15.35 12.19 11.58
CA GLU A 66 -14.88 10.88 11.09
C GLU A 66 -13.56 11.06 10.35
N ILE A 67 -13.40 12.25 9.74
CA ILE A 67 -12.12 12.71 9.19
C ILE A 67 -11.09 12.93 10.33
N LEU A 68 -11.59 13.21 11.53
CA LEU A 68 -10.74 13.36 12.70
C LEU A 68 -10.21 12.02 13.22
N ASP A 69 -10.84 10.92 12.86
CA ASP A 69 -10.27 9.59 13.12
C ASP A 69 -9.12 9.30 12.15
N GLU A 70 -9.36 9.54 10.86
CA GLU A 70 -8.33 9.43 9.82
C GLU A 70 -7.09 10.25 10.20
N ALA A 71 -7.33 11.43 10.78
CA ALA A 71 -6.23 12.26 11.28
C ALA A 71 -5.49 11.56 12.42
N TYR A 72 -6.24 11.09 13.42
CA TYR A 72 -5.64 10.41 14.57
C TYR A 72 -4.71 9.30 14.12
N VAL A 73 -5.16 8.50 13.15
CA VAL A 73 -4.34 7.41 12.61
C VAL A 73 -3.07 7.94 11.92
N MET A 74 -3.23 8.76 10.87
CA MET A 74 -2.09 9.29 10.13
C MET A 74 -1.10 10.03 11.03
N ALA A 75 -1.63 10.70 12.05
CA ALA A 75 -0.80 11.37 13.05
C ALA A 75 0.06 10.36 13.77
N SER A 76 -0.51 9.18 14.02
CA SER A 76 0.11 8.15 14.85
C SER A 76 1.04 7.15 14.13
N VAL A 77 1.32 7.35 12.84
CA VAL A 77 2.13 6.37 12.10
C VAL A 77 3.40 6.99 11.54
N ASP A 78 4.54 6.35 11.80
CA ASP A 78 5.85 6.79 11.28
C ASP A 78 6.63 5.64 10.66
N ASN A 79 6.75 5.64 9.33
CA ASN A 79 7.43 4.55 8.62
C ASN A 79 7.68 4.92 7.16
N PRO A 80 8.87 4.61 6.63
CA PRO A 80 9.19 5.01 5.26
C PRO A 80 8.18 4.67 4.17
N HIS A 81 7.34 3.65 4.39
CA HIS A 81 6.35 3.23 3.37
C HIS A 81 4.90 3.45 3.81
N VAL A 82 4.69 4.52 4.58
CA VAL A 82 3.36 4.91 5.07
C VAL A 82 3.29 6.43 5.18
N CYS A 83 2.20 7.02 4.69
CA CYS A 83 2.04 8.48 4.72
C CYS A 83 1.74 8.98 6.13
N ARG A 84 2.48 10.00 6.55
CA ARG A 84 2.26 10.61 7.86
C ARG A 84 1.61 11.97 7.70
N LEU A 85 0.67 12.27 8.60
CA LEU A 85 0.02 13.58 8.68
C LEU A 85 1.03 14.59 9.22
N LEU A 86 1.25 15.67 8.47
CA LEU A 86 2.08 16.78 8.97
C LEU A 86 1.28 17.58 9.98
N GLY A 87 0.02 17.81 9.67
CA GLY A 87 -0.88 18.43 10.62
C GLY A 87 -2.29 18.58 10.12
N ILE A 88 -3.13 19.16 10.98
CA ILE A 88 -4.47 19.56 10.59
C ILE A 88 -4.59 21.07 10.66
N CYS A 89 -5.63 21.59 10.02
CA CYS A 89 -5.88 23.02 9.98
C CYS A 89 -7.38 23.27 10.22
N LEU A 90 -7.68 24.17 11.15
CA LEU A 90 -9.06 24.33 11.63
C LEU A 90 -9.80 25.50 11.00
N THR A 91 -9.15 26.25 10.10
CA THR A 91 -9.79 27.43 9.53
C THR A 91 -10.96 27.03 8.62
N SER A 92 -12.13 27.60 8.90
CA SER A 92 -13.38 27.37 8.15
C SER A 92 -13.93 25.94 8.37
N THR A 93 -13.14 24.94 7.99
CA THR A 93 -13.46 23.55 8.23
C THR A 93 -12.15 22.76 8.35
N VAL A 94 -12.25 21.51 8.77
CA VAL A 94 -11.06 20.72 9.10
C VAL A 94 -10.33 20.23 7.84
N GLN A 95 -9.00 20.31 7.88
CA GLN A 95 -8.15 19.98 6.74
C GLN A 95 -6.93 19.19 7.17
N LEU A 96 -6.67 18.09 6.47
CA LEU A 96 -5.52 17.25 6.75
C LEU A 96 -4.38 17.67 5.84
N ILE A 97 -3.19 17.84 6.41
CA ILE A 97 -2.03 18.26 5.63
C ILE A 97 -0.95 17.17 5.62
N THR A 98 -0.53 16.76 4.44
CA THR A 98 0.51 15.75 4.32
C THR A 98 1.53 16.14 3.24
N GLN A 99 2.68 15.48 3.25
CA GLN A 99 3.68 15.67 2.21
C GLN A 99 3.12 15.32 0.82
N LEU A 100 3.25 16.24 -0.13
CA LEU A 100 2.81 16.03 -1.49
C LEU A 100 3.63 14.92 -2.12
N MET A 101 2.94 13.90 -2.64
CA MET A 101 3.54 12.84 -3.44
C MET A 101 3.32 13.23 -4.89
N PRO A 102 4.39 13.66 -5.58
CA PRO A 102 4.21 14.32 -6.86
C PRO A 102 3.67 13.44 -7.98
N PHE A 103 3.98 12.14 -7.97
CA PHE A 103 3.51 11.26 -9.03
C PHE A 103 2.14 10.61 -8.78
N GLY A 104 1.47 11.02 -7.70
CA GLY A 104 0.09 10.59 -7.45
C GLY A 104 -0.06 9.10 -7.15
N CYS A 105 -1.25 8.57 -7.39
CA CYS A 105 -1.54 7.17 -7.06
C CYS A 105 -0.92 6.22 -8.04
N LEU A 106 -0.50 5.07 -7.52
CA LEU A 106 0.21 4.08 -8.30
C LEU A 106 -0.68 3.47 -9.39
N LEU A 107 -1.98 3.38 -9.12
CA LEU A 107 -2.90 2.84 -10.11
C LEU A 107 -2.81 3.66 -11.39
N ASP A 108 -2.92 4.98 -11.26
CA ASP A 108 -2.81 5.86 -12.42
C ASP A 108 -1.41 5.78 -13.02
N TYR A 109 -0.39 5.67 -12.17
CA TYR A 109 1.00 5.62 -12.61
C TYR A 109 1.25 4.42 -13.52
N VAL A 110 0.84 3.23 -13.11
CA VAL A 110 1.09 2.05 -13.93
C VAL A 110 0.29 2.11 -15.23
N ARG A 111 -0.94 2.59 -15.18
CA ARG A 111 -1.71 2.80 -16.40
C ARG A 111 -0.96 3.77 -17.31
N GLU A 112 -0.54 4.90 -16.75
CA GLU A 112 0.16 5.93 -17.52
C GLU A 112 1.45 5.40 -18.17
N HIS A 113 2.12 4.43 -17.54
CA HIS A 113 3.38 3.90 -18.03
C HIS A 113 3.34 2.37 -18.24
N LYS A 114 2.28 1.89 -18.89
CA LYS A 114 2.12 0.45 -19.15
C LYS A 114 3.30 -0.11 -19.93
N ASP A 115 3.81 0.66 -20.88
CA ASP A 115 4.82 0.18 -21.81
C ASP A 115 6.22 0.70 -21.48
N ASN A 116 6.37 1.32 -20.31
CA ASN A 116 7.67 1.78 -19.81
C ASN A 116 8.05 1.19 -18.47
N ILE A 117 7.15 0.39 -17.89
CA ILE A 117 7.41 -0.25 -16.60
C ILE A 117 8.09 -1.60 -16.80
N GLY A 118 9.07 -1.90 -15.95
CA GLY A 118 9.81 -3.15 -16.04
C GLY A 118 9.61 -4.05 -14.85
N SER A 119 10.36 -5.14 -14.82
CA SER A 119 10.16 -6.18 -13.81
C SER A 119 10.75 -5.80 -12.45
N GLN A 120 11.80 -4.97 -12.43
CA GLN A 120 12.43 -4.65 -11.15
C GLN A 120 11.53 -3.73 -10.38
N TYR A 121 10.96 -2.74 -11.08
CA TYR A 121 10.01 -1.82 -10.47
C TYR A 121 8.88 -2.58 -9.82
N LEU A 122 8.15 -3.37 -10.61
CA LEU A 122 6.96 -4.04 -10.10
C LEU A 122 7.28 -4.82 -8.82
N LEU A 123 8.37 -5.57 -8.84
CA LEU A 123 8.75 -6.34 -7.66
C LEU A 123 9.21 -5.43 -6.50
N ASN A 124 9.79 -4.28 -6.82
CA ASN A 124 10.24 -3.34 -5.79
C ASN A 124 9.04 -2.74 -5.05
N TRP A 125 8.01 -2.35 -5.80
CA TRP A 125 6.79 -1.85 -5.21
C TRP A 125 6.15 -2.89 -4.31
N CYS A 126 6.02 -4.13 -4.81
CA CYS A 126 5.43 -5.20 -4.00
C CYS A 126 6.05 -5.29 -2.62
N VAL A 127 7.38 -5.23 -2.57
CA VAL A 127 8.13 -5.27 -1.31
C VAL A 127 7.78 -4.07 -0.46
N GLN A 128 7.86 -2.90 -1.08
CA GLN A 128 7.62 -1.66 -0.37
C GLN A 128 6.23 -1.63 0.26
N ILE A 129 5.23 -2.12 -0.46
CA ILE A 129 3.88 -2.12 0.09
C ILE A 129 3.80 -3.08 1.26
N ALA A 130 4.25 -4.32 1.08
CA ALA A 130 4.24 -5.28 2.16
C ALA A 130 5.06 -4.79 3.35
N LYS A 131 6.08 -3.97 3.09
CA LYS A 131 6.87 -3.40 4.17
C LYS A 131 6.03 -2.40 4.97
N GLY A 132 5.27 -1.59 4.26
CA GLY A 132 4.36 -0.65 4.89
C GLY A 132 3.28 -1.37 5.69
N MET A 133 2.67 -2.38 5.07
CA MET A 133 1.58 -3.12 5.71
C MET A 133 2.01 -3.89 6.95
N ASN A 134 3.23 -4.43 6.92
CA ASN A 134 3.74 -5.15 8.08
C ASN A 134 3.88 -4.18 9.24
N TYR A 135 4.23 -2.93 8.91
CA TYR A 135 4.38 -1.91 9.93
C TYR A 135 3.03 -1.70 10.58
N LEU A 136 2.02 -1.49 9.74
CA LEU A 136 0.66 -1.26 10.21
C LEU A 136 0.18 -2.41 11.08
N GLU A 137 0.54 -3.64 10.72
CA GLU A 137 0.23 -4.82 11.53
C GLU A 137 0.86 -4.73 12.90
N ASP A 138 2.09 -4.23 12.99
CA ASP A 138 2.77 -4.08 14.29
C ASP A 138 2.11 -2.99 15.15
N ARG A 139 1.62 -1.94 14.51
CA ARG A 139 0.87 -0.90 15.22
C ARG A 139 -0.59 -1.28 15.49
N ARG A 140 -0.98 -2.51 15.18
CA ARG A 140 -2.34 -3.02 15.37
C ARG A 140 -3.41 -2.35 14.50
N LEU A 141 -3.00 -1.67 13.45
CA LEU A 141 -3.95 -1.06 12.54
C LEU A 141 -4.35 -2.04 11.46
N VAL A 142 -5.65 -2.15 11.23
CA VAL A 142 -6.19 -2.86 10.08
C VAL A 142 -6.61 -1.79 9.11
N HIS A 143 -6.00 -1.79 7.92
CA HIS A 143 -6.19 -0.72 6.93
C HIS A 143 -7.58 -0.71 6.35
N ARG A 144 -8.09 -1.89 6.02
CA ARG A 144 -9.46 -2.10 5.49
C ARG A 144 -9.74 -1.54 4.08
N ASP A 145 -8.81 -0.80 3.49
CA ASP A 145 -8.99 -0.28 2.13
C ASP A 145 -7.69 -0.27 1.32
N LEU A 146 -6.92 -1.34 1.40
CA LEU A 146 -5.70 -1.43 0.62
C LEU A 146 -6.07 -1.70 -0.82
N ALA A 147 -5.38 -1.03 -1.74
CA ALA A 147 -5.63 -1.10 -3.17
C ALA A 147 -4.59 -0.22 -3.87
N ALA A 148 -4.42 -0.40 -5.18
CA ALA A 148 -3.39 0.34 -5.90
C ALA A 148 -3.68 1.83 -5.95
N ARG A 149 -4.94 2.21 -5.80
CA ARG A 149 -5.32 3.63 -5.76
C ARG A 149 -4.88 4.33 -4.46
N ASN A 150 -4.78 3.58 -3.38
CA ASN A 150 -4.38 4.11 -2.07
C ASN A 150 -2.89 3.94 -1.81
N VAL A 151 -2.15 3.47 -2.82
CA VAL A 151 -0.69 3.50 -2.77
C VAL A 151 -0.24 4.68 -3.61
N LEU A 152 0.57 5.56 -3.05
CA LEU A 152 1.05 6.74 -3.78
C LEU A 152 2.55 6.66 -4.10
N VAL A 153 2.95 7.44 -5.10
CA VAL A 153 4.34 7.47 -5.57
C VAL A 153 5.05 8.73 -5.08
N LYS A 154 6.07 8.58 -4.23
CA LYS A 154 6.93 9.71 -3.83
C LYS A 154 7.89 9.98 -4.99
N THR A 155 8.68 8.97 -5.32
CA THR A 155 9.43 8.91 -6.58
C THR A 155 9.07 7.57 -7.23
N PRO A 156 9.34 7.42 -8.52
CA PRO A 156 9.09 6.13 -9.17
C PRO A 156 9.61 4.89 -8.42
N GLN A 157 10.64 5.03 -7.58
CA GLN A 157 11.20 3.90 -6.84
C GLN A 157 10.94 4.00 -5.34
N HIS A 158 9.96 4.81 -4.95
CA HIS A 158 9.56 4.94 -3.55
C HIS A 158 8.07 5.19 -3.45
N VAL A 159 7.35 4.17 -2.95
CA VAL A 159 5.89 4.22 -2.80
C VAL A 159 5.47 4.15 -1.34
N LYS A 160 4.34 4.80 -1.04
CA LYS A 160 3.80 4.84 0.33
C LYS A 160 2.30 4.50 0.37
N ILE A 161 1.87 3.88 1.45
CA ILE A 161 0.46 3.58 1.67
C ILE A 161 -0.23 4.79 2.31
N THR A 162 -1.46 5.05 1.90
CA THR A 162 -2.20 6.18 2.39
C THR A 162 -3.68 5.82 2.51
N ASP A 163 -4.50 6.81 2.87
CA ASP A 163 -5.97 6.68 2.91
C ASP A 163 -6.45 5.72 4.01
N PHE A 164 -6.45 6.26 5.23
CA PHE A 164 -6.88 5.54 6.43
C PHE A 164 -8.30 5.92 6.85
N GLY A 165 -9.15 6.24 5.88
CA GLY A 165 -10.53 6.62 6.17
C GLY A 165 -11.34 5.51 6.81
N LEU A 166 -11.04 4.27 6.41
CA LEU A 166 -11.69 3.07 6.96
C LEU A 166 -10.79 2.30 7.93
N ALA A 167 -9.55 2.74 8.12
CA ALA A 167 -8.61 2.06 9.04
C ALA A 167 -9.21 1.88 10.43
N LYS A 168 -8.87 0.78 11.09
CA LYS A 168 -9.30 0.53 12.47
C LYS A 168 -8.18 -0.07 13.31
N LEU A 169 -8.11 0.37 14.57
CA LEU A 169 -7.15 -0.12 15.54
C LEU A 169 -7.72 -1.31 16.29
N LEU A 170 -6.86 -2.27 16.64
CA LEU A 170 -7.28 -3.44 17.40
C LEU A 170 -6.65 -3.44 18.78
N GLY A 171 -7.41 -3.88 19.78
CA GLY A 171 -6.88 -4.07 21.12
C GLY A 171 -5.75 -5.08 21.13
N ALA A 172 -5.06 -5.17 22.26
CA ALA A 172 -4.06 -6.20 22.46
C ALA A 172 -4.80 -7.54 22.43
N GLU A 173 -5.95 -7.56 23.10
CA GLU A 173 -6.80 -8.73 23.15
C GLU A 173 -7.42 -9.00 21.78
N GLU A 174 -8.25 -8.08 21.29
CA GLU A 174 -9.00 -8.27 20.05
C GLU A 174 -8.14 -8.78 18.89
N LYS A 175 -8.69 -9.77 18.16
CA LYS A 175 -8.08 -10.30 16.93
C LYS A 175 -8.80 -9.84 15.65
N GLU A 176 -10.11 -9.61 15.74
CA GLU A 176 -10.93 -9.20 14.60
C GLU A 176 -11.56 -7.81 14.80
N TYR A 177 -12.27 -7.32 13.77
CA TYR A 177 -13.06 -6.09 13.86
C TYR A 177 -14.41 -6.31 13.18
N HIS A 178 -15.50 -6.12 13.93
CA HIS A 178 -16.84 -6.24 13.37
C HIS A 178 -17.32 -4.90 12.83
N ALA A 179 -17.90 -4.88 11.63
CA ALA A 179 -18.38 -3.65 10.99
C ALA A 179 -19.88 -3.45 11.19
N GLU A 180 -20.30 -2.19 11.26
CA GLU A 180 -21.70 -1.85 11.55
C GLU A 180 -22.53 -1.63 10.29
N GLY A 181 -21.92 -1.77 9.11
CA GLY A 181 -22.57 -1.48 7.85
C GLY A 181 -22.18 -0.12 7.28
N GLY A 182 -21.43 -0.13 6.19
CA GLY A 182 -20.98 1.09 5.52
C GLY A 182 -20.39 0.69 4.18
N LYS A 183 -20.22 1.66 3.29
CA LYS A 183 -19.71 1.38 1.95
C LYS A 183 -18.24 0.94 2.03
N VAL A 184 -17.94 -0.20 1.42
CA VAL A 184 -16.57 -0.72 1.32
C VAL A 184 -16.43 -1.32 -0.08
N PRO A 185 -15.27 -1.11 -0.74
CA PRO A 185 -15.06 -1.68 -2.08
C PRO A 185 -15.00 -3.22 -2.07
N ILE A 186 -15.94 -3.85 -2.77
CA ILE A 186 -16.15 -5.29 -2.67
C ILE A 186 -15.02 -6.09 -3.34
N LYS A 187 -14.48 -5.55 -4.42
CA LYS A 187 -13.54 -6.31 -5.24
C LYS A 187 -12.12 -6.44 -4.67
N TRP A 188 -11.85 -5.80 -3.53
CA TRP A 188 -10.61 -6.00 -2.78
C TRP A 188 -10.84 -6.77 -1.48
N MET A 189 -12.11 -7.00 -1.15
CA MET A 189 -12.45 -7.50 0.15
C MET A 189 -12.29 -9.00 0.24
N ALA A 190 -11.75 -9.44 1.37
CA ALA A 190 -11.70 -10.85 1.68
C ALA A 190 -13.10 -11.38 1.94
N LEU A 191 -13.25 -12.69 1.77
CA LEU A 191 -14.54 -13.33 1.83
C LEU A 191 -15.19 -13.12 3.20
N GLU A 192 -14.44 -13.29 4.28
CA GLU A 192 -15.03 -13.11 5.63
C GLU A 192 -15.57 -11.70 5.74
N SER A 193 -14.83 -10.75 5.20
CA SER A 193 -15.27 -9.36 5.19
C SER A 193 -16.61 -9.21 4.44
N ILE A 194 -16.74 -9.86 3.28
CA ILE A 194 -17.97 -9.77 2.48
C ILE A 194 -19.15 -10.44 3.18
N LEU A 195 -18.96 -11.66 3.67
CA LEU A 195 -20.04 -12.46 4.26
C LEU A 195 -20.33 -12.15 5.73
N HIS A 196 -19.27 -11.91 6.52
CA HIS A 196 -19.40 -11.79 7.97
C HIS A 196 -18.95 -10.45 8.55
N ARG A 197 -18.59 -9.49 7.69
CA ARG A 197 -18.12 -8.15 8.11
C ARG A 197 -16.94 -8.19 9.07
N ILE A 198 -16.09 -9.21 8.94
CA ILE A 198 -14.93 -9.36 9.80
C ILE A 198 -13.70 -8.81 9.11
N TYR A 199 -12.89 -8.06 9.86
CA TYR A 199 -11.63 -7.52 9.36
C TYR A 199 -10.48 -7.91 10.27
N THR A 200 -9.37 -8.29 9.65
CA THR A 200 -8.19 -8.79 10.32
C THR A 200 -6.99 -8.40 9.48
N HIS A 201 -5.80 -8.47 10.04
CA HIS A 201 -4.61 -8.27 9.23
C HIS A 201 -4.62 -9.21 8.02
N GLN A 202 -5.16 -10.42 8.22
CA GLN A 202 -5.23 -11.42 7.15
C GLN A 202 -6.27 -11.13 6.06
N SER A 203 -7.24 -10.26 6.33
CA SER A 203 -8.07 -9.75 5.25
C SER A 203 -7.29 -8.67 4.48
N ASP A 204 -6.47 -7.87 5.16
CA ASP A 204 -5.63 -6.90 4.43
C ASP A 204 -4.66 -7.66 3.49
N VAL A 205 -4.18 -8.82 3.94
CA VAL A 205 -3.37 -9.67 3.08
C VAL A 205 -4.10 -9.99 1.76
N TRP A 206 -5.37 -10.38 1.85
CA TRP A 206 -6.16 -10.63 0.66
C TRP A 206 -6.10 -9.43 -0.24
N SER A 207 -6.41 -8.26 0.32
CA SER A 207 -6.40 -7.00 -0.44
C SER A 207 -5.04 -6.73 -1.07
N TYR A 208 -3.96 -7.07 -0.36
CA TYR A 208 -2.61 -6.93 -0.90
C TYR A 208 -2.43 -7.79 -2.14
N GLY A 209 -2.94 -9.02 -2.09
CA GLY A 209 -2.90 -9.91 -3.26
C GLY A 209 -3.54 -9.27 -4.47
N VAL A 210 -4.75 -8.73 -4.28
CA VAL A 210 -5.49 -8.03 -5.34
C VAL A 210 -4.70 -6.84 -5.89
N THR A 211 -4.05 -6.09 -4.99
CA THR A 211 -3.22 -4.96 -5.34
C THR A 211 -2.05 -5.42 -6.22
N VAL A 212 -1.41 -6.53 -5.86
CA VAL A 212 -0.33 -7.09 -6.68
C VAL A 212 -0.87 -7.49 -8.06
N TRP A 213 -2.05 -8.11 -8.08
CA TRP A 213 -2.71 -8.45 -9.32
C TRP A 213 -2.97 -7.19 -10.14
N GLU A 214 -3.38 -6.10 -9.48
CA GLU A 214 -3.56 -4.79 -10.15
C GLU A 214 -2.27 -4.29 -10.82
N LEU A 215 -1.14 -4.46 -10.14
CA LEU A 215 0.15 -4.01 -10.67
C LEU A 215 0.60 -4.90 -11.82
N MET A 216 0.47 -6.21 -11.62
CA MET A 216 0.97 -7.19 -12.60
C MET A 216 0.16 -7.24 -13.87
N THR A 217 -0.99 -6.54 -13.89
CA THR A 217 -1.81 -6.41 -15.10
C THR A 217 -1.85 -4.95 -15.52
N PHE A 218 -0.86 -4.19 -15.07
CA PHE A 218 -0.71 -2.77 -15.41
C PHE A 218 -1.98 -1.95 -15.25
N GLY A 219 -2.62 -2.11 -14.09
CA GLY A 219 -3.76 -1.29 -13.71
C GLY A 219 -5.06 -1.73 -14.34
N SER A 220 -5.30 -3.04 -14.36
CA SER A 220 -6.57 -3.54 -14.82
C SER A 220 -7.57 -3.55 -13.68
N LYS A 221 -8.84 -3.68 -14.03
CA LYS A 221 -9.92 -3.70 -13.06
C LYS A 221 -10.22 -5.13 -12.66
N PRO A 222 -10.23 -5.41 -11.34
CA PRO A 222 -10.64 -6.73 -10.87
C PRO A 222 -12.01 -7.12 -11.40
N TYR A 223 -12.14 -8.37 -11.83
CA TYR A 223 -13.43 -8.93 -12.22
C TYR A 223 -14.19 -8.04 -13.21
N ASP A 224 -13.44 -7.38 -14.09
CA ASP A 224 -14.00 -6.36 -14.99
C ASP A 224 -15.21 -6.88 -15.75
N GLY A 225 -16.37 -6.26 -15.52
CA GLY A 225 -17.62 -6.72 -16.12
C GLY A 225 -18.59 -7.21 -15.06
N ILE A 226 -18.11 -8.11 -14.21
CA ILE A 226 -18.91 -8.66 -13.10
C ILE A 226 -19.31 -7.53 -12.13
N PRO A 227 -20.59 -7.48 -11.72
CA PRO A 227 -20.99 -6.52 -10.69
C PRO A 227 -20.67 -7.01 -9.29
N ALA A 228 -20.79 -6.12 -8.30
CA ALA A 228 -20.43 -6.42 -6.92
C ALA A 228 -21.30 -7.50 -6.30
N SER A 229 -22.54 -7.61 -6.77
CA SER A 229 -23.49 -8.56 -6.20
C SER A 229 -23.10 -10.00 -6.46
N GLU A 230 -22.51 -10.26 -7.63
CA GLU A 230 -22.12 -11.62 -7.99
C GLU A 230 -20.83 -12.08 -7.29
N ILE A 231 -20.06 -11.13 -6.74
CA ILE A 231 -18.73 -11.42 -6.19
C ILE A 231 -18.70 -12.45 -5.05
N SER A 232 -19.44 -12.18 -3.98
CA SER A 232 -19.42 -13.11 -2.83
C SER A 232 -19.70 -14.53 -3.31
N SER A 233 -20.64 -14.67 -4.25
CA SER A 233 -21.04 -15.97 -4.79
C SER A 233 -20.05 -16.56 -5.81
N ILE A 234 -19.28 -15.70 -6.48
CA ILE A 234 -18.18 -16.15 -7.32
C ILE A 234 -17.10 -16.79 -6.46
N LEU A 235 -16.68 -16.07 -5.42
CA LEU A 235 -15.60 -16.52 -4.55
C LEU A 235 -16.00 -17.75 -3.74
N GLU A 236 -17.27 -17.88 -3.39
CA GLU A 236 -17.74 -19.06 -2.70
C GLU A 236 -17.59 -20.30 -3.60
N LYS A 237 -17.83 -20.13 -4.90
CA LYS A 237 -17.71 -21.24 -5.87
C LYS A 237 -16.27 -21.71 -6.11
N GLY A 238 -15.29 -20.89 -5.71
CA GLY A 238 -13.87 -21.26 -5.82
C GLY A 238 -13.06 -20.35 -6.73
N GLU A 239 -13.73 -19.62 -7.61
CA GLU A 239 -13.07 -18.79 -8.64
C GLU A 239 -12.28 -17.64 -8.01
N ARG A 240 -11.15 -17.31 -8.64
CA ARG A 240 -10.33 -16.16 -8.27
C ARG A 240 -10.02 -15.31 -9.49
N LEU A 241 -9.25 -14.24 -9.28
CA LEU A 241 -8.65 -13.47 -10.38
C LEU A 241 -7.69 -14.40 -11.14
N PRO A 242 -7.57 -14.19 -12.46
CA PRO A 242 -6.69 -15.03 -13.25
C PRO A 242 -5.21 -14.66 -13.15
N GLN A 243 -4.37 -15.61 -13.54
CA GLN A 243 -2.94 -15.44 -13.64
C GLN A 243 -2.59 -14.38 -14.70
N PRO A 244 -2.02 -13.24 -14.29
CA PRO A 244 -1.62 -12.26 -15.30
C PRO A 244 -0.60 -12.85 -16.29
N PRO A 245 -0.68 -12.45 -17.57
CA PRO A 245 0.23 -12.98 -18.60
C PRO A 245 1.71 -12.90 -18.25
N ILE A 246 2.11 -11.86 -17.54
CA ILE A 246 3.52 -11.63 -17.26
C ILE A 246 4.00 -12.43 -16.05
N CYS A 247 3.07 -13.04 -15.32
CA CYS A 247 3.40 -13.72 -14.06
C CYS A 247 3.78 -15.19 -14.22
N THR A 248 4.98 -15.54 -13.77
CA THR A 248 5.33 -16.93 -13.59
C THR A 248 4.42 -17.56 -12.54
N ILE A 249 4.31 -18.88 -12.59
CA ILE A 249 3.50 -19.61 -11.63
C ILE A 249 3.97 -19.31 -10.19
N ASP A 250 5.25 -19.03 -10.02
CA ASP A 250 5.83 -18.68 -8.71
C ASP A 250 5.15 -17.48 -8.06
N VAL A 251 4.94 -16.44 -8.87
CA VAL A 251 4.30 -15.21 -8.41
C VAL A 251 2.81 -15.43 -8.21
N TYR A 252 2.17 -16.15 -9.12
CA TYR A 252 0.73 -16.34 -9.07
C TYR A 252 0.34 -17.17 -7.86
N MET A 253 1.13 -18.20 -7.60
CA MET A 253 1.03 -18.99 -6.37
C MET A 253 0.83 -18.09 -5.16
N ILE A 254 1.72 -17.13 -5.00
CA ILE A 254 1.66 -16.21 -3.87
C ILE A 254 0.35 -15.44 -3.85
N MET A 255 -0.11 -15.00 -5.00
CA MET A 255 -1.37 -14.25 -5.05
C MET A 255 -2.51 -15.16 -4.59
N VAL A 256 -2.54 -16.37 -5.12
CA VAL A 256 -3.57 -17.33 -4.77
C VAL A 256 -3.51 -17.72 -3.30
N LYS A 257 -2.30 -17.85 -2.75
CA LYS A 257 -2.12 -18.08 -1.32
C LYS A 257 -2.81 -16.99 -0.51
N CYS A 258 -2.71 -15.75 -0.99
CA CYS A 258 -3.39 -14.62 -0.36
C CYS A 258 -4.89 -14.71 -0.41
N TRP A 259 -5.43 -15.41 -1.40
CA TRP A 259 -6.87 -15.51 -1.56
C TRP A 259 -7.42 -16.85 -1.09
N MET A 260 -6.80 -17.41 -0.07
CA MET A 260 -7.24 -18.70 0.44
C MET A 260 -8.38 -18.46 1.43
N ILE A 261 -9.31 -19.40 1.50
CA ILE A 261 -10.50 -19.28 2.35
C ILE A 261 -10.15 -19.18 3.84
N ASP A 262 -9.09 -19.87 4.25
CA ASP A 262 -8.67 -19.85 5.65
C ASP A 262 -7.76 -18.66 5.87
N ALA A 263 -8.22 -17.70 6.68
CA ALA A 263 -7.48 -16.46 6.91
C ALA A 263 -6.07 -16.69 7.51
N ASP A 264 -5.93 -17.74 8.30
CA ASP A 264 -4.68 -18.06 8.96
C ASP A 264 -3.69 -18.80 8.05
N SER A 265 -4.18 -19.27 6.90
CA SER A 265 -3.35 -20.00 5.93
C SER A 265 -2.71 -19.09 4.90
N ARG A 266 -3.22 -17.86 4.77
CA ARG A 266 -2.60 -16.85 3.93
C ARG A 266 -1.21 -16.52 4.43
N PRO A 267 -0.34 -16.01 3.53
CA PRO A 267 0.93 -15.46 3.94
C PRO A 267 0.75 -14.34 4.96
N LYS A 268 1.88 -13.93 5.49
CA LYS A 268 1.95 -13.01 6.59
C LYS A 268 2.79 -11.88 6.02
N PHE A 269 2.46 -10.63 6.28
CA PHE A 269 3.15 -9.55 5.57
C PHE A 269 4.69 -9.66 5.64
N ARG A 270 5.20 -10.09 6.80
CA ARG A 270 6.64 -10.34 6.95
C ARG A 270 7.17 -11.48 6.07
N GLU A 271 6.33 -12.45 5.79
CA GLU A 271 6.69 -13.52 4.88
C GLU A 271 6.68 -12.99 3.47
N LEU A 272 5.76 -12.08 3.21
CA LEU A 272 5.59 -11.56 1.86
C LEU A 272 6.76 -10.65 1.46
N ILE A 273 7.27 -9.88 2.40
CA ILE A 273 8.48 -9.11 2.20
C ILE A 273 9.56 -10.03 1.65
N ILE A 274 9.81 -11.12 2.37
CA ILE A 274 10.89 -12.05 2.08
C ILE A 274 10.70 -12.67 0.69
N GLU A 275 9.49 -13.17 0.45
CA GLU A 275 9.21 -13.87 -0.80
C GLU A 275 9.45 -12.95 -1.97
N PHE A 276 8.90 -11.75 -1.89
CA PHE A 276 9.08 -10.74 -2.94
C PHE A 276 10.50 -10.18 -2.99
N SER A 277 11.19 -10.13 -1.86
CA SER A 277 12.57 -9.67 -1.86
C SER A 277 13.52 -10.64 -2.58
N LYS A 278 13.32 -11.94 -2.36
N LYS A 278 13.34 -11.94 -2.35
CA LYS A 278 14.12 -12.96 -3.04
CA LYS A 278 14.08 -12.99 -3.05
C LYS A 278 13.93 -12.91 -4.56
C LYS A 278 13.93 -12.82 -4.55
N MET A 279 12.69 -12.67 -4.98
CA MET A 279 12.38 -12.54 -6.40
C MET A 279 13.01 -11.30 -7.01
N ALA A 280 13.03 -10.20 -6.25
CA ALA A 280 13.64 -8.94 -6.68
C ALA A 280 15.13 -9.06 -7.04
N ARG A 281 15.82 -10.08 -6.52
CA ARG A 281 17.21 -10.32 -6.89
C ARG A 281 17.35 -10.64 -8.38
N ASP A 282 16.35 -11.35 -8.90
CA ASP A 282 16.36 -11.83 -10.28
C ASP A 282 14.97 -11.69 -10.87
N PRO A 283 14.54 -10.45 -11.14
CA PRO A 283 13.15 -10.17 -11.49
C PRO A 283 12.71 -10.82 -12.80
N GLN A 284 13.65 -10.95 -13.72
CA GLN A 284 13.38 -11.56 -15.01
C GLN A 284 13.14 -13.07 -14.94
N ARG A 285 13.47 -13.67 -13.79
CA ARG A 285 13.14 -15.07 -13.54
C ARG A 285 11.71 -15.28 -13.06
N TYR A 286 11.09 -14.23 -12.53
CA TYR A 286 9.76 -14.36 -11.94
C TYR A 286 8.68 -13.55 -12.68
N LEU A 287 9.10 -12.52 -13.41
CA LEU A 287 8.19 -11.82 -14.32
C LEU A 287 8.80 -11.83 -15.72
N VAL A 288 7.97 -12.06 -16.71
CA VAL A 288 8.41 -12.14 -18.09
C VAL A 288 7.72 -11.03 -18.82
N ILE A 289 8.41 -9.90 -18.93
CA ILE A 289 7.84 -8.71 -19.55
C ILE A 289 8.46 -8.52 -20.93
N GLN A 290 7.63 -8.51 -21.95
CA GLN A 290 8.11 -8.33 -23.31
C GLN A 290 8.68 -6.91 -23.44
N GLY A 291 9.95 -6.81 -23.84
CA GLY A 291 10.68 -5.54 -23.89
C GLY A 291 11.29 -5.10 -22.57
N ASP A 292 11.50 -6.05 -21.65
CA ASP A 292 12.04 -5.75 -20.31
C ASP A 292 13.51 -5.28 -20.38
N GLU A 293 14.26 -5.78 -21.37
CA GLU A 293 15.65 -5.33 -21.63
C GLU A 293 15.70 -3.80 -21.83
N ARG A 294 14.66 -3.31 -22.49
CA ARG A 294 14.58 -1.94 -22.93
C ARG A 294 14.06 -0.98 -21.84
N MET A 295 13.39 -1.52 -20.81
CA MET A 295 12.77 -0.69 -19.75
C MET A 295 13.80 0.02 -18.88
N HIS A 296 13.36 1.14 -18.31
CA HIS A 296 14.18 1.90 -17.37
C HIS A 296 14.29 1.10 -16.08
N LEU A 297 15.48 1.08 -15.49
CA LEU A 297 15.70 0.43 -14.20
C LEU A 297 15.76 1.45 -13.06
N PRO A 298 15.19 1.10 -11.90
CA PRO A 298 15.40 1.93 -10.72
C PRO A 298 16.80 1.73 -10.15
N SER A 299 17.18 2.54 -9.17
CA SER A 299 18.43 2.36 -8.45
C SER A 299 18.42 1.00 -7.77
N PRO A 300 19.58 0.32 -7.71
CA PRO A 300 19.74 -0.89 -6.91
C PRO A 300 19.22 -0.76 -5.48
N THR A 301 18.56 -1.81 -4.99
CA THR A 301 18.02 -1.80 -3.64
C THR A 301 19.16 -2.00 -2.66
N ASP A 302 18.96 -1.55 -1.42
CA ASP A 302 19.99 -1.68 -0.41
C ASP A 302 20.32 -3.16 -0.21
N SER A 303 19.26 -3.97 -0.22
CA SER A 303 19.37 -5.42 -0.11
C SER A 303 20.18 -6.00 -1.27
N ASN A 304 19.76 -5.71 -2.50
CA ASN A 304 20.48 -6.24 -3.68
C ASN A 304 21.94 -5.80 -3.74
N PHE A 305 22.22 -4.60 -3.27
CA PHE A 305 23.60 -4.13 -3.12
C PHE A 305 24.29 -4.98 -2.05
N TYR A 306 23.66 -5.06 -0.88
CA TYR A 306 24.22 -5.74 0.30
C TYR A 306 24.71 -7.14 -0.03
N ARG A 307 23.93 -7.87 -0.84
CA ARG A 307 24.15 -9.28 -1.12
C ARG A 307 25.37 -9.52 -2.01
N ALA A 308 25.61 -8.58 -2.93
CA ALA A 308 26.75 -8.69 -3.86
C ALA A 308 28.10 -8.55 -3.17
N LEU A 309 28.09 -8.01 -1.95
CA LEU A 309 29.31 -7.78 -1.19
C LEU A 309 29.81 -9.01 -0.39
N MET A 310 29.02 -10.09 -0.41
CA MET A 310 29.34 -11.32 0.33
C MET A 310 30.19 -12.26 -0.52
N ASP A 311 30.46 -13.47 -0.01
CA ASP A 311 31.20 -14.50 -0.76
C ASP A 311 30.26 -15.20 -1.75
N GLU A 312 30.78 -15.53 -2.93
CA GLU A 312 29.95 -16.16 -3.98
C GLU A 312 29.30 -17.49 -3.55
N GLU A 313 29.93 -18.19 -2.60
CA GLU A 313 29.40 -19.48 -2.12
C GLU A 313 28.11 -19.33 -1.35
N ASP A 314 28.00 -18.23 -0.59
CA ASP A 314 26.85 -17.96 0.28
C ASP A 314 25.67 -17.33 -0.46
N MET A 315 25.97 -16.49 -1.44
CA MET A 315 24.95 -15.65 -2.15
C MET A 315 23.68 -16.36 -2.64
N ASP A 316 23.73 -17.67 -2.87
CA ASP A 316 22.53 -18.43 -3.21
C ASP A 316 21.37 -18.09 -2.26
N ASP A 317 21.63 -18.15 -0.95
CA ASP A 317 20.58 -18.03 0.08
C ASP A 317 20.75 -16.86 1.06
N VAL A 318 21.69 -15.94 0.79
CA VAL A 318 21.93 -14.81 1.70
C VAL A 318 20.71 -13.90 1.77
N VAL A 319 20.39 -13.46 2.98
CA VAL A 319 19.29 -12.54 3.23
C VAL A 319 19.78 -11.36 4.05
N ASP A 320 19.44 -10.16 3.59
CA ASP A 320 19.69 -8.91 4.32
C ASP A 320 18.79 -8.90 5.54
N ALA A 321 19.41 -9.01 6.72
CA ALA A 321 18.72 -9.02 8.02
C ALA A 321 17.71 -7.89 8.24
N ASP A 322 17.96 -6.75 7.60
CA ASP A 322 17.05 -5.60 7.69
C ASP A 322 15.67 -5.92 7.08
N GLU A 323 15.60 -6.91 6.20
CA GLU A 323 14.30 -7.43 5.74
C GLU A 323 13.99 -8.80 6.35
N TYR A 324 14.18 -8.96 7.65
CA TYR A 324 13.86 -10.23 8.30
C TYR A 324 13.36 -10.05 9.74
#